data_5I3Q
#
_entry.id   5I3Q
#
_cell.length_a   161.136
_cell.length_b   175.903
_cell.length_c   57.789
_cell.angle_alpha   90.000
_cell.angle_beta   90.000
_cell.angle_gamma   90.000
#
_symmetry.space_group_name_H-M   'C 2 2 21'
#
loop_
_entity.id
_entity.type
_entity.pdbx_description
1 polymer 'Genome polyprotein'
2 non-polymer 'ZINC ION'
3 non-polymer 5-[5-(3-hydroxyprop-1-yn-1-yl)thiophen-2-yl]-4-methoxy-2-methyl-N-[(quinolin-8-yl)sulfonyl]benzamide
4 water water
#
_entity_poly.entity_id   1
_entity_poly.type   'polypeptide(L)'
_entity_poly.pdbx_seq_one_letter_code
;GSHMLDNMDVIGERIKRIKEEHNSTWHYDDENPYKTWAYHGSYEVKATGSASSMINGVVKLLTKPWDVVPMVTQMAMTDT
TPFGQQRVFKEKVDTRTPRPLPGTRKVMEITAEWLWRTLGRNKRPRLCTREEFTKKVRTNAAMGAVFTEENQWDSAKAAV
EDEEFWKLVDRERELHKLGKCGSCVYNMMGKREKKLGEFGKAKGSRAIWYMWLGVRYLEFEALGFLNEDHWFSRENSYSG
VEGEGLHKLGYILRDISKIPGGAMYADDTAGWDTRITEDDLHNEEKIIQQMDPEHRQLANAIFKLTYQNKVVKVQRPTPT
GTVMDIISRKDQRGSGQVGTYGLNTFTNMEAQLVRQMEGEGVLTKADLENPHLLEKKITQWLETKGVERLKRMAISGDDC
VVKPIDDRFANALLALNDMGKVRKDIPQWQPSKGWHDWQQVPFCSHHFHELIMKDGRKLVVPCRPQDELIGRARISQGAG
WSLRETACLGKAYAQMWSLMYFHRRDLRLASNAICSAVPVHWVPTSRTTWSIHAHHQWMTTEDMLTVWNRVWIEENPWME
DKTPVTTWENVPYLGKREDQWCGSLIGLTSRATWAQNIPTAIQQVRSLIGNEEFLDYMPSMKRFRKEEESEGAIW
;
_entity_poly.pdbx_strand_id   A
#
# COMPACT_ATOMS: atom_id res chain seq x y z
N ASN A 7 3.84 -29.86 11.58
CA ASN A 7 3.71 -28.41 11.63
C ASN A 7 3.53 -27.84 13.06
N MET A 8 3.01 -28.66 14.00
CA MET A 8 2.78 -28.26 15.38
C MET A 8 4.05 -27.87 16.15
N ASP A 9 5.22 -28.37 15.72
CA ASP A 9 6.52 -28.06 16.35
C ASP A 9 6.93 -26.57 16.23
N VAL A 10 6.33 -25.82 15.28
CA VAL A 10 6.63 -24.39 15.06
C VAL A 10 5.52 -23.50 15.64
N ILE A 11 4.26 -23.91 15.47
CA ILE A 11 3.09 -23.12 15.88
C ILE A 11 2.43 -23.53 17.19
N GLY A 12 2.78 -24.72 17.69
CA GLY A 12 2.19 -25.34 18.89
C GLY A 12 2.22 -24.51 20.16
N GLU A 13 3.37 -23.84 20.42
CA GLU A 13 3.53 -23.01 21.61
C GLU A 13 2.59 -21.80 21.59
N ARG A 14 2.42 -21.14 20.43
CA ARG A 14 1.48 -20.01 20.29
C ARG A 14 0.03 -20.46 20.58
N ILE A 15 -0.41 -21.59 19.97
CA ILE A 15 -1.79 -22.10 20.14
C ILE A 15 -2.03 -22.50 21.61
N LYS A 16 -1.05 -23.18 22.25
CA LYS A 16 -1.04 -23.59 23.66
C LYS A 16 -1.27 -22.37 24.59
N ARG A 17 -0.59 -21.24 24.31
CA ARG A 17 -0.76 -20.02 25.11
C ARG A 17 -2.13 -19.37 24.94
N ILE A 18 -2.68 -19.41 23.70
CA ILE A 18 -4.00 -18.84 23.40
C ILE A 18 -5.08 -19.67 24.11
N LYS A 19 -4.99 -20.99 23.93
CA LYS A 19 -5.83 -22.04 24.49
C LYS A 19 -5.92 -21.86 26.03
N GLU A 20 -4.74 -21.74 26.70
CA GLU A 20 -4.67 -21.59 28.16
C GLU A 20 -5.22 -20.25 28.66
N GLU A 21 -5.07 -19.15 27.87
CA GLU A 21 -5.57 -17.83 28.23
C GLU A 21 -7.11 -17.77 28.11
N HIS A 22 -7.71 -18.65 27.29
CA HIS A 22 -9.16 -18.70 27.07
C HIS A 22 -9.70 -20.13 27.27
N ASN A 23 -9.15 -20.87 28.27
CA ASN A 23 -9.54 -22.25 28.59
C ASN A 23 -11.00 -22.41 29.04
N SER A 24 -11.64 -21.31 29.44
CA SER A 24 -13.04 -21.31 29.86
C SER A 24 -13.98 -21.46 28.64
N THR A 25 -13.74 -20.69 27.55
CA THR A 25 -14.59 -20.74 26.36
C THR A 25 -13.98 -21.49 25.17
N TRP A 26 -12.73 -22.01 25.29
CA TRP A 26 -12.05 -22.73 24.20
C TRP A 26 -12.82 -24.00 23.80
N HIS A 27 -13.02 -24.16 22.49
CA HIS A 27 -13.74 -25.30 21.92
C HIS A 27 -13.34 -25.51 20.47
N TYR A 28 -13.62 -26.70 19.93
CA TYR A 28 -13.37 -27.01 18.54
C TYR A 28 -14.70 -26.95 17.79
N ASP A 29 -14.95 -25.85 17.06
CA ASP A 29 -16.17 -25.67 16.30
C ASP A 29 -16.06 -26.48 15.01
N ASP A 30 -16.78 -27.60 14.94
CA ASP A 30 -16.78 -28.50 13.78
C ASP A 30 -17.53 -27.91 12.56
N GLU A 31 -18.24 -26.77 12.76
CA GLU A 31 -18.94 -26.05 11.70
C GLU A 31 -18.09 -24.83 11.21
N ASN A 32 -16.76 -24.88 11.46
CA ASN A 32 -15.80 -23.84 11.04
C ASN A 32 -15.71 -23.84 9.49
N PRO A 33 -15.62 -22.66 8.84
CA PRO A 33 -15.67 -22.63 7.36
C PRO A 33 -14.35 -22.72 6.61
N TYR A 34 -13.24 -23.01 7.31
CA TYR A 34 -11.88 -23.05 6.72
C TYR A 34 -11.63 -24.29 5.91
N LYS A 35 -11.21 -24.08 4.64
CA LYS A 35 -10.94 -25.20 3.73
C LYS A 35 -9.46 -25.40 3.43
N THR A 36 -8.69 -24.30 3.29
CA THR A 36 -7.27 -24.35 2.93
C THR A 36 -6.34 -23.94 4.09
N TRP A 37 -6.92 -23.41 5.17
CA TRP A 37 -6.19 -23.02 6.39
C TRP A 37 -6.43 -24.12 7.42
N ALA A 38 -5.43 -24.43 8.25
CA ALA A 38 -5.57 -25.41 9.33
C ALA A 38 -6.34 -24.70 10.46
N TYR A 39 -7.43 -25.31 10.93
CA TYR A 39 -8.23 -24.71 11.99
C TYR A 39 -7.91 -25.40 13.30
N HIS A 40 -7.53 -24.62 14.34
CA HIS A 40 -7.11 -25.19 15.62
C HIS A 40 -8.17 -25.10 16.73
N GLY A 41 -9.03 -24.09 16.67
CA GLY A 41 -10.09 -23.92 17.65
C GLY A 41 -10.60 -22.50 17.75
N SER A 42 -11.61 -22.30 18.61
CA SER A 42 -12.24 -21.00 18.81
C SER A 42 -12.44 -20.67 20.29
N TYR A 43 -12.71 -19.40 20.57
CA TYR A 43 -13.04 -18.89 21.90
C TYR A 43 -13.95 -17.66 21.73
N GLU A 44 -14.79 -17.40 22.74
CA GLU A 44 -15.71 -16.26 22.70
C GLU A 44 -14.99 -14.92 22.79
N VAL A 45 -15.46 -13.94 22.01
CA VAL A 45 -14.95 -12.57 21.97
C VAL A 45 -16.10 -11.59 21.83
N LYS A 46 -15.84 -10.31 22.12
CA LYS A 46 -16.76 -9.21 21.90
C LYS A 46 -16.54 -8.80 20.42
N ALA A 47 -17.63 -8.74 19.62
CA ALA A 47 -17.56 -8.37 18.21
C ALA A 47 -16.99 -6.96 18.00
N THR A 48 -16.05 -6.85 17.04
CA THR A 48 -15.43 -5.57 16.72
C THR A 48 -15.76 -5.15 15.27
N GLY A 49 -15.61 -3.87 14.96
CA GLY A 49 -15.88 -3.32 13.63
C GLY A 49 -17.21 -2.61 13.47
N SER A 50 -17.52 -2.21 12.23
CA SER A 50 -18.75 -1.50 11.85
C SER A 50 -19.21 -1.88 10.43
N ALA A 51 -20.54 -1.89 10.20
CA ALA A 51 -21.12 -2.21 8.89
C ALA A 51 -20.99 -1.03 7.90
N SER A 52 -20.89 0.20 8.45
CA SER A 52 -20.74 1.46 7.72
C SER A 52 -19.60 2.30 8.30
N SER A 53 -19.06 3.24 7.51
CA SER A 53 -18.00 4.15 7.94
C SER A 53 -18.63 5.50 8.38
N MET A 54 -18.04 6.17 9.41
CA MET A 54 -18.55 7.47 9.85
C MET A 54 -18.34 8.55 8.79
N ILE A 55 -19.30 9.46 8.67
CA ILE A 55 -19.31 10.52 7.67
C ILE A 55 -18.75 11.83 8.21
N ASN A 56 -17.83 12.43 7.45
CA ASN A 56 -17.27 13.73 7.77
C ASN A 56 -18.29 14.80 7.33
N GLY A 57 -19.02 15.33 8.31
CA GLY A 57 -20.05 16.33 8.08
C GLY A 57 -19.57 17.62 7.44
N VAL A 58 -18.34 18.06 7.76
CA VAL A 58 -17.75 19.29 7.20
C VAL A 58 -17.55 19.12 5.71
N VAL A 59 -16.95 17.99 5.30
CA VAL A 59 -16.74 17.72 3.87
C VAL A 59 -18.11 17.49 3.21
N LYS A 60 -19.01 16.71 3.84
CA LYS A 60 -20.35 16.43 3.26
C LYS A 60 -21.14 17.72 2.96
N LEU A 61 -21.15 18.67 3.92
CA LEU A 61 -21.87 19.93 3.76
C LEU A 61 -21.32 20.81 2.65
N LEU A 62 -20.02 20.69 2.35
CA LEU A 62 -19.40 21.52 1.33
C LEU A 62 -19.26 20.80 -0.03
N THR A 63 -19.86 19.62 -0.17
CA THR A 63 -19.83 18.84 -1.43
C THR A 63 -21.24 18.31 -1.72
N LYS A 64 -22.27 19.17 -1.54
CA LYS A 64 -23.69 18.78 -1.76
C LYS A 64 -23.96 18.04 -3.10
N PRO A 65 -23.46 18.46 -4.27
CA PRO A 65 -23.74 17.71 -5.51
C PRO A 65 -23.33 16.24 -5.51
N TRP A 66 -22.41 15.85 -4.61
CA TRP A 66 -21.92 14.47 -4.50
C TRP A 66 -22.73 13.63 -3.53
N ASP A 67 -23.80 14.22 -2.99
CA ASP A 67 -24.74 13.49 -2.15
C ASP A 67 -25.49 12.54 -3.14
N VAL A 68 -25.71 12.97 -4.42
CA VAL A 68 -26.39 12.09 -5.39
C VAL A 68 -25.36 11.31 -6.26
N VAL A 69 -24.28 10.75 -5.66
CA VAL A 69 -23.30 10.05 -6.49
C VAL A 69 -23.05 8.61 -5.95
N PRO A 70 -23.34 7.59 -6.79
CA PRO A 70 -23.22 6.21 -6.32
C PRO A 70 -21.86 5.78 -5.78
N MET A 71 -20.73 6.19 -6.42
CA MET A 71 -19.41 5.79 -5.89
C MET A 71 -19.17 6.44 -4.52
N VAL A 72 -19.65 7.69 -4.35
CA VAL A 72 -19.54 8.41 -3.07
C VAL A 72 -20.32 7.64 -1.94
N THR A 73 -21.51 7.09 -2.25
CA THR A 73 -22.30 6.28 -1.29
C THR A 73 -21.63 4.93 -0.97
N GLN A 74 -21.12 4.21 -2.00
CA GLN A 74 -20.47 2.91 -1.83
C GLN A 74 -19.29 2.94 -0.85
N MET A 75 -18.42 3.96 -0.99
CA MET A 75 -17.24 4.13 -0.14
C MET A 75 -17.58 4.29 1.34
N ALA A 76 -18.71 4.94 1.65
CA ALA A 76 -19.22 5.18 3.00
C ALA A 76 -19.65 3.87 3.70
N MET A 77 -19.74 2.77 2.94
CA MET A 77 -20.16 1.47 3.46
C MET A 77 -18.94 0.77 4.09
N THR A 78 -18.36 -0.28 3.45
CA THR A 78 -17.20 -1.05 3.96
C THR A 78 -17.53 -1.70 5.33
N ASP A 79 -17.76 -3.03 5.31
CA ASP A 79 -18.11 -3.82 6.49
C ASP A 79 -16.86 -4.41 7.17
N THR A 80 -16.63 -4.02 8.44
CA THR A 80 -15.49 -4.50 9.23
C THR A 80 -15.92 -5.42 10.39
N THR A 81 -17.24 -5.67 10.53
CA THR A 81 -17.82 -6.55 11.57
C THR A 81 -17.38 -8.02 11.33
N PRO A 82 -17.59 -8.97 12.29
CA PRO A 82 -17.22 -10.37 12.04
C PRO A 82 -17.80 -10.92 10.72
N PHE A 83 -19.01 -10.42 10.31
CA PHE A 83 -19.66 -10.79 9.05
C PHE A 83 -18.82 -10.35 7.85
N GLY A 84 -18.36 -9.09 7.87
CA GLY A 84 -17.51 -8.50 6.82
C GLY A 84 -16.18 -9.23 6.68
N GLN A 85 -15.53 -9.52 7.83
CA GLN A 85 -14.27 -10.26 7.95
C GLN A 85 -14.41 -11.65 7.31
N GLN A 86 -15.51 -12.35 7.63
CA GLN A 86 -15.78 -13.69 7.10
C GLN A 86 -16.00 -13.73 5.58
N ARG A 87 -16.76 -12.76 5.03
CA ARG A 87 -17.05 -12.72 3.59
C ARG A 87 -15.80 -12.46 2.76
N VAL A 88 -14.94 -11.54 3.24
CA VAL A 88 -13.65 -11.21 2.60
C VAL A 88 -12.78 -12.48 2.62
N PHE A 89 -12.72 -13.15 3.79
CA PHE A 89 -11.96 -14.38 3.97
C PHE A 89 -12.35 -15.46 2.95
N LYS A 90 -13.67 -15.77 2.84
CA LYS A 90 -14.24 -16.76 1.92
C LYS A 90 -13.95 -16.43 0.45
N GLU A 91 -14.29 -15.21 0.03
CA GLU A 91 -14.15 -14.70 -1.34
C GLU A 91 -12.71 -14.70 -1.87
N LYS A 92 -11.71 -14.41 -1.00
CA LYS A 92 -10.32 -14.26 -1.42
C LYS A 92 -9.27 -15.22 -0.79
N VAL A 93 -9.09 -15.12 0.53
CA VAL A 93 -8.05 -15.72 1.37
C VAL A 93 -8.10 -17.26 1.51
N ASP A 94 -9.27 -17.91 1.32
CA ASP A 94 -9.35 -19.36 1.51
C ASP A 94 -9.16 -20.12 0.20
N THR A 95 -7.96 -19.97 -0.41
CA THR A 95 -7.55 -20.61 -1.67
C THR A 95 -6.16 -21.23 -1.57
N ARG A 96 -5.82 -22.07 -2.54
CA ARG A 96 -4.54 -22.74 -2.64
C ARG A 96 -3.99 -22.42 -4.05
N THR A 97 -2.71 -21.98 -4.15
CA THR A 97 -2.06 -21.67 -5.44
C THR A 97 -1.34 -22.95 -5.88
N PRO A 98 -1.57 -23.46 -7.12
CA PRO A 98 -0.85 -24.67 -7.56
C PRO A 98 0.65 -24.42 -7.54
N ARG A 99 1.41 -25.45 -7.17
CA ARG A 99 2.85 -25.29 -7.12
C ARG A 99 3.41 -25.00 -8.52
N PRO A 100 4.30 -23.98 -8.66
CA PRO A 100 4.92 -23.72 -9.96
C PRO A 100 5.71 -24.96 -10.44
N LEU A 101 5.85 -25.10 -11.75
CA LEU A 101 6.58 -26.23 -12.36
C LEU A 101 8.07 -26.20 -11.96
N PRO A 102 8.82 -27.33 -12.13
CA PRO A 102 10.24 -27.35 -11.75
C PRO A 102 11.15 -26.37 -12.48
N GLY A 103 10.91 -26.16 -13.78
CA GLY A 103 11.69 -25.19 -14.55
C GLY A 103 11.42 -23.76 -14.08
N THR A 104 10.12 -23.45 -13.85
CA THR A 104 9.72 -22.14 -13.33
C THR A 104 10.41 -21.88 -11.99
N ARG A 105 10.43 -22.89 -11.09
CA ARG A 105 11.06 -22.73 -9.78
C ARG A 105 12.54 -22.45 -9.91
N LYS A 106 13.18 -23.10 -10.87
CA LYS A 106 14.61 -22.90 -11.12
C LYS A 106 14.93 -21.50 -11.61
N VAL A 107 14.18 -20.96 -12.60
CA VAL A 107 14.45 -19.63 -13.10
C VAL A 107 14.17 -18.59 -12.01
N MET A 108 13.12 -18.82 -11.19
CA MET A 108 12.80 -17.89 -10.09
C MET A 108 13.93 -17.86 -9.08
N GLU A 109 14.47 -19.03 -8.73
CA GLU A 109 15.58 -19.12 -7.77
C GLU A 109 16.82 -18.39 -8.30
N ILE A 110 17.14 -18.58 -9.60
CA ILE A 110 18.32 -17.92 -10.21
C ILE A 110 18.16 -16.39 -10.21
N THR A 111 16.96 -15.92 -10.63
CA THR A 111 16.63 -14.50 -10.68
C THR A 111 16.65 -13.90 -9.28
N ALA A 112 16.00 -14.59 -8.29
CA ALA A 112 15.98 -14.10 -6.90
C ALA A 112 17.40 -13.93 -6.33
N GLU A 113 18.31 -14.93 -6.56
CA GLU A 113 19.72 -14.82 -6.11
C GLU A 113 20.42 -13.62 -6.76
N TRP A 114 20.23 -13.41 -8.06
CA TRP A 114 20.85 -12.29 -8.76
C TRP A 114 20.27 -10.95 -8.30
N LEU A 115 18.94 -10.91 -8.09
CA LEU A 115 18.28 -9.67 -7.68
C LEU A 115 18.72 -9.23 -6.28
N TRP A 116 18.77 -10.15 -5.32
CA TRP A 116 19.20 -9.86 -3.95
C TRP A 116 20.66 -9.32 -3.96
N ARG A 117 21.57 -9.92 -4.78
CA ARG A 117 22.96 -9.45 -4.91
C ARG A 117 23.02 -8.06 -5.51
N THR A 118 22.17 -7.79 -6.53
CA THR A 118 22.08 -6.46 -7.14
C THR A 118 21.59 -5.43 -6.13
N LEU A 119 20.52 -5.77 -5.35
CA LEU A 119 19.94 -4.83 -4.36
C LEU A 119 20.89 -4.54 -3.19
N GLY A 120 21.78 -5.49 -2.91
CA GLY A 120 22.74 -5.38 -1.81
C GLY A 120 24.15 -4.99 -2.24
N ARG A 121 24.31 -4.47 -3.47
CA ARG A 121 25.61 -4.09 -4.04
C ARG A 121 26.30 -2.91 -3.29
N ASN A 122 25.50 -2.00 -2.70
CA ASN A 122 26.00 -0.84 -1.95
C ASN A 122 25.56 -0.88 -0.51
N LYS A 123 24.35 -1.38 -0.26
CA LYS A 123 23.77 -1.41 1.05
C LYS A 123 24.03 -2.74 1.74
N ARG A 124 24.23 -2.70 3.06
CA ARG A 124 24.37 -3.90 3.88
C ARG A 124 23.17 -3.95 4.81
N PRO A 125 22.53 -5.13 5.00
CA PRO A 125 21.44 -5.20 5.98
C PRO A 125 21.95 -4.90 7.39
N ARG A 126 21.04 -4.47 8.26
CA ARG A 126 21.33 -4.14 9.65
C ARG A 126 20.02 -4.35 10.45
N LEU A 127 20.16 -4.43 11.77
CA LEU A 127 19.05 -4.54 12.68
C LEU A 127 18.47 -3.14 12.91
N CYS A 128 17.15 -3.05 13.08
CA CYS A 128 16.54 -1.79 13.46
C CYS A 128 16.37 -1.83 14.97
N THR A 129 16.26 -0.65 15.60
CA THR A 129 16.32 -0.52 17.06
C THR A 129 15.04 -0.09 17.74
N ARG A 130 15.03 -0.26 19.09
CA ARG A 130 13.93 0.17 19.97
C ARG A 130 13.70 1.69 19.80
N GLU A 131 14.78 2.49 19.76
CA GLU A 131 14.72 3.94 19.68
CA GLU A 131 14.73 3.96 19.63
C GLU A 131 14.25 4.39 18.26
N GLU A 132 14.54 3.59 17.23
CA GLU A 132 14.10 3.85 15.85
C GLU A 132 12.58 3.64 15.81
N PHE A 133 12.10 2.50 16.35
CA PHE A 133 10.69 2.12 16.45
C PHE A 133 9.94 3.18 17.27
N THR A 134 10.52 3.58 18.43
CA THR A 134 9.98 4.59 19.35
C THR A 134 9.78 5.92 18.62
N LYS A 135 10.81 6.41 17.88
CA LYS A 135 10.77 7.65 17.11
C LYS A 135 9.67 7.62 16.05
N LYS A 136 9.47 6.46 15.38
CA LYS A 136 8.44 6.26 14.35
C LYS A 136 7.03 6.33 14.95
N VAL A 137 6.83 5.68 16.11
CA VAL A 137 5.55 5.64 16.84
C VAL A 137 5.17 7.06 17.34
N ARG A 138 6.17 7.81 17.87
CA ARG A 138 5.99 9.18 18.36
C ARG A 138 5.59 10.16 17.24
N THR A 139 6.35 10.16 16.11
CA THR A 139 6.10 11.03 14.96
C THR A 139 4.77 10.73 14.25
N ASN A 140 4.32 9.45 14.27
CA ASN A 140 3.05 9.04 13.68
C ASN A 140 1.87 9.54 14.53
N ALA A 141 1.98 9.40 15.87
CA ALA A 141 0.96 9.84 16.85
C ALA A 141 0.86 11.37 16.93
N ALA A 142 1.92 12.10 16.51
CA ALA A 142 1.98 13.56 16.49
C ALA A 142 1.64 14.11 15.10
N ASP A 154 -1.49 7.14 19.60
CA ASP A 154 -2.25 5.93 19.92
C ASP A 154 -1.74 5.33 21.25
N SER A 155 -2.30 4.16 21.65
CA SER A 155 -1.89 3.42 22.85
C SER A 155 -0.48 2.80 22.64
N ALA A 156 0.03 2.88 21.39
CA ALA A 156 1.36 2.44 20.99
C ALA A 156 2.42 3.36 21.60
N LYS A 157 2.13 4.68 21.69
CA LYS A 157 3.01 5.68 22.32
C LYS A 157 3.12 5.41 23.83
N ALA A 158 2.03 4.89 24.45
CA ALA A 158 1.99 4.55 25.87
C ALA A 158 2.80 3.28 26.14
N ALA A 159 2.67 2.26 25.25
CA ALA A 159 3.39 0.98 25.35
C ALA A 159 4.90 1.18 25.22
N VAL A 160 5.32 1.91 24.17
CA VAL A 160 6.71 2.25 23.85
C VAL A 160 7.43 2.96 25.02
N GLU A 161 6.64 3.71 25.82
CA GLU A 161 7.07 4.46 27.00
C GLU A 161 7.17 3.56 28.23
N ASP A 162 6.46 2.42 28.25
CA ASP A 162 6.47 1.46 29.37
C ASP A 162 7.65 0.51 29.23
N GLU A 163 8.49 0.41 30.29
CA GLU A 163 9.66 -0.47 30.30
C GLU A 163 9.28 -1.96 30.27
N GLU A 164 8.07 -2.30 30.77
CA GLU A 164 7.58 -3.67 30.80
C GLU A 164 7.25 -4.19 29.39
N PHE A 165 6.99 -3.26 28.46
CA PHE A 165 6.74 -3.60 27.06
C PHE A 165 8.05 -4.14 26.45
N TRP A 166 9.17 -3.45 26.70
CA TRP A 166 10.48 -3.81 26.20
C TRP A 166 11.00 -5.10 26.85
N LYS A 167 10.60 -5.37 28.12
CA LYS A 167 10.93 -6.61 28.82
C LYS A 167 10.20 -7.79 28.19
N LEU A 168 8.92 -7.60 27.79
CA LEU A 168 8.14 -8.62 27.08
C LEU A 168 8.78 -8.91 25.71
N VAL A 169 9.23 -7.86 25.02
CA VAL A 169 9.94 -7.94 23.72
C VAL A 169 11.21 -8.79 23.89
N ASP A 170 12.05 -8.47 24.92
CA ASP A 170 13.30 -9.21 25.17
C ASP A 170 13.07 -10.70 25.40
N ARG A 171 12.00 -11.05 26.14
CA ARG A 171 11.66 -12.44 26.42
C ARG A 171 11.25 -13.17 25.14
N GLU A 172 10.51 -12.49 24.25
CA GLU A 172 10.11 -13.10 22.98
C GLU A 172 11.32 -13.28 22.07
N ARG A 173 12.22 -12.27 22.01
CA ARG A 173 13.46 -12.36 21.22
C ARG A 173 14.32 -13.56 21.65
N GLU A 174 14.42 -13.82 22.97
CA GLU A 174 15.18 -14.98 23.47
C GLU A 174 14.59 -16.30 22.98
N LEU A 175 13.25 -16.40 22.88
CA LEU A 175 12.60 -17.58 22.27
C LEU A 175 13.00 -17.65 20.81
N HIS A 176 12.89 -16.52 20.06
CA HIS A 176 13.28 -16.46 18.63
C HIS A 176 14.72 -16.95 18.42
N LYS A 177 15.64 -16.57 19.33
CA LYS A 177 17.05 -16.98 19.28
C LYS A 177 17.22 -18.49 19.47
N LEU A 178 16.26 -19.15 20.13
CA LEU A 178 16.23 -20.60 20.34
C LEU A 178 15.44 -21.32 19.22
N GLY A 179 14.94 -20.55 18.25
CA GLY A 179 14.16 -21.05 17.13
C GLY A 179 12.72 -21.35 17.50
N LYS A 180 12.18 -20.58 18.47
CA LYS A 180 10.82 -20.77 18.98
C LYS A 180 10.08 -19.46 18.98
N CYS A 181 8.75 -19.53 18.96
CA CYS A 181 7.87 -18.37 18.98
C CYS A 181 6.76 -18.65 19.99
N GLY A 182 6.50 -17.70 20.86
CA GLY A 182 5.45 -17.87 21.87
C GLY A 182 4.26 -16.95 21.75
N SER A 183 4.44 -15.77 21.14
CA SER A 183 3.36 -14.79 21.07
C SER A 183 3.19 -13.99 19.77
N CYS A 184 3.85 -14.37 18.65
CA CYS A 184 3.72 -13.60 17.39
C CYS A 184 2.59 -14.15 16.54
N VAL A 185 1.41 -13.55 16.70
CA VAL A 185 0.14 -13.91 16.08
C VAL A 185 -0.34 -12.71 15.27
N TYR A 186 -0.79 -12.97 14.03
CA TYR A 186 -1.30 -11.96 13.10
C TYR A 186 -2.82 -11.84 13.31
N ASN A 187 -3.33 -10.62 13.32
CA ASN A 187 -4.76 -10.36 13.52
C ASN A 187 -5.43 -9.90 12.22
N MET A 188 -6.51 -10.58 11.82
CA MET A 188 -7.28 -10.25 10.61
C MET A 188 -8.34 -9.21 10.89
N SER A 205 -7.46 -6.10 27.37
CA SER A 205 -6.23 -6.33 28.13
C SER A 205 -5.00 -5.76 27.42
N ARG A 206 -4.06 -5.20 28.19
CA ARG A 206 -2.83 -4.62 27.64
C ARG A 206 -1.81 -5.69 27.24
N ALA A 207 -1.90 -6.90 27.84
CA ALA A 207 -1.01 -8.03 27.56
C ALA A 207 -1.08 -8.48 26.10
N ILE A 208 -2.32 -8.61 25.55
CA ILE A 208 -2.54 -9.04 24.16
C ILE A 208 -2.09 -7.93 23.16
N TRP A 209 -2.31 -6.64 23.53
CA TRP A 209 -1.90 -5.49 22.73
C TRP A 209 -0.36 -5.34 22.75
N TYR A 210 0.28 -5.60 23.91
CA TYR A 210 1.74 -5.56 24.06
C TYR A 210 2.39 -6.67 23.21
N MET A 211 1.74 -7.86 23.17
CA MET A 211 2.17 -9.02 22.39
C MET A 211 2.09 -8.78 20.87
N TRP A 212 1.03 -8.09 20.41
CA TRP A 212 0.87 -7.72 19.01
C TRP A 212 1.92 -6.67 18.62
N LEU A 213 2.02 -5.57 19.37
CA LEU A 213 2.98 -4.51 19.10
C LEU A 213 4.44 -5.02 19.24
N GLY A 214 4.66 -5.97 20.16
CA GLY A 214 5.94 -6.62 20.41
C GLY A 214 6.36 -7.47 19.22
N VAL A 215 5.37 -8.19 18.65
CA VAL A 215 5.52 -9.01 17.44
C VAL A 215 5.90 -8.13 16.27
N ARG A 216 5.23 -6.96 16.14
CA ARG A 216 5.53 -5.98 15.09
C ARG A 216 6.90 -5.36 15.29
N TYR A 217 7.28 -5.03 16.57
CA TYR A 217 8.62 -4.50 16.80
C TYR A 217 9.71 -5.52 16.37
N LEU A 218 9.54 -6.78 16.72
CA LEU A 218 10.52 -7.82 16.40
C LEU A 218 10.70 -8.03 14.90
N GLU A 219 9.61 -7.86 14.13
CA GLU A 219 9.65 -7.95 12.68
C GLU A 219 10.40 -6.73 12.15
N PHE A 220 10.12 -5.54 12.71
CA PHE A 220 10.77 -4.28 12.38
C PHE A 220 12.27 -4.39 12.67
N GLU A 221 12.62 -4.95 13.81
CA GLU A 221 14.02 -5.17 14.19
C GLU A 221 14.77 -6.00 13.13
N ALA A 222 14.23 -7.12 12.71
CA ALA A 222 14.90 -8.00 11.75
C ALA A 222 14.76 -7.63 10.26
N LEU A 223 13.61 -7.06 9.86
CA LEU A 223 13.40 -6.77 8.44
C LEU A 223 13.12 -5.33 8.09
N GLY A 224 13.05 -4.49 9.11
CA GLY A 224 12.78 -3.06 8.96
C GLY A 224 13.75 -2.35 8.07
N PHE A 225 15.01 -2.84 7.99
CA PHE A 225 16.08 -2.23 7.17
C PHE A 225 15.67 -2.05 5.67
N LEU A 226 14.84 -2.96 5.14
CA LEU A 226 14.39 -2.83 3.73
C LEU A 226 13.69 -1.50 3.49
N ASN A 227 12.88 -1.05 4.47
CA ASN A 227 12.18 0.23 4.36
C ASN A 227 13.05 1.37 4.86
N GLU A 228 13.62 1.25 6.11
CA GLU A 228 14.40 2.32 6.77
C GLU A 228 15.64 2.75 5.99
N ASP A 229 16.24 1.81 5.27
CA ASP A 229 17.43 2.09 4.45
C ASP A 229 17.10 2.11 2.94
N HIS A 230 15.80 2.24 2.60
CA HIS A 230 15.32 2.44 1.23
C HIS A 230 15.92 1.50 0.22
N TRP A 231 15.82 0.19 0.49
CA TRP A 231 16.32 -0.80 -0.44
C TRP A 231 15.57 -0.77 -1.77
N PHE A 232 14.30 -0.32 -1.76
CA PHE A 232 13.47 -0.26 -2.99
C PHE A 232 13.32 1.15 -3.54
N SER A 233 14.30 2.03 -3.21
CA SER A 233 14.35 3.36 -3.81
C SER A 233 14.67 3.10 -5.31
N ARG A 234 14.39 4.07 -6.19
CA ARG A 234 14.68 3.90 -7.62
C ARG A 234 16.20 3.80 -7.87
N GLU A 235 16.99 4.61 -7.15
CA GLU A 235 18.44 4.59 -7.29
C GLU A 235 19.01 3.21 -6.94
N ASN A 236 18.52 2.62 -5.85
CA ASN A 236 19.03 1.31 -5.44
C ASN A 236 18.48 0.14 -6.19
N SER A 237 17.18 0.16 -6.52
CA SER A 237 16.56 -1.03 -7.11
C SER A 237 16.26 -0.96 -8.60
N TYR A 238 16.39 0.25 -9.24
CA TYR A 238 16.12 0.50 -10.66
C TYR A 238 14.63 0.52 -11.00
N SER A 239 13.87 -0.53 -10.59
CA SER A 239 12.42 -0.65 -10.84
C SER A 239 11.61 0.01 -9.75
N GLY A 240 12.17 0.05 -8.54
CA GLY A 240 11.45 0.54 -7.37
C GLY A 240 11.12 2.02 -7.40
N VAL A 241 10.18 2.44 -6.52
CA VAL A 241 9.73 3.84 -6.41
C VAL A 241 9.52 4.19 -4.93
N GLU A 242 10.12 3.43 -4.03
CA GLU A 242 9.99 3.69 -2.60
C GLU A 242 10.68 5.01 -2.25
N GLY A 243 9.99 5.88 -1.51
CA GLY A 243 10.51 7.20 -1.14
C GLY A 243 10.22 8.25 -2.20
N GLU A 244 9.69 7.85 -3.39
CA GLU A 244 9.44 8.83 -4.44
C GLU A 244 8.29 9.79 -4.15
N GLY A 245 7.13 9.29 -3.77
CA GLY A 245 6.05 10.25 -3.55
C GLY A 245 5.17 10.32 -4.78
N LEU A 246 3.85 10.44 -4.60
CA LEU A 246 2.88 10.43 -5.70
C LEU A 246 3.24 11.43 -6.83
N HIS A 247 3.69 12.64 -6.45
CA HIS A 247 4.06 13.74 -7.35
C HIS A 247 5.26 13.42 -8.25
N LYS A 248 5.99 12.32 -7.97
CA LYS A 248 7.13 11.91 -8.80
C LYS A 248 6.81 10.71 -9.72
N LEU A 249 5.83 9.88 -9.35
CA LEU A 249 5.48 8.65 -10.12
C LEU A 249 5.17 8.89 -11.62
N GLY A 250 4.43 9.94 -11.92
CA GLY A 250 4.07 10.28 -13.30
C GLY A 250 5.29 10.67 -14.08
N TYR A 251 6.16 11.49 -13.47
CA TYR A 251 7.43 11.81 -14.14
C TYR A 251 8.25 10.58 -14.42
N ILE A 252 8.26 9.61 -13.50
CA ILE A 252 9.01 8.35 -13.68
C ILE A 252 8.39 7.57 -14.84
N LEU A 253 7.04 7.50 -14.90
CA LEU A 253 6.38 6.82 -16.06
C LEU A 253 6.73 7.51 -17.39
N ARG A 254 6.77 8.86 -17.38
CA ARG A 254 7.14 9.60 -18.59
C ARG A 254 8.57 9.26 -18.99
N ASP A 255 9.50 9.14 -18.02
CA ASP A 255 10.88 8.77 -18.35
C ASP A 255 10.97 7.35 -18.94
N ILE A 256 10.18 6.41 -18.39
CA ILE A 256 10.19 5.03 -18.91
C ILE A 256 9.70 5.06 -20.38
N SER A 257 8.72 5.91 -20.67
CA SER A 257 8.15 6.03 -22.04
C SER A 257 9.21 6.41 -23.11
N LYS A 258 10.31 7.04 -22.69
CA LYS A 258 11.40 7.46 -23.58
C LYS A 258 12.28 6.30 -23.97
N ILE A 259 12.21 5.16 -23.22
CA ILE A 259 13.04 4.00 -23.51
C ILE A 259 12.51 3.27 -24.75
N PRO A 260 13.34 2.98 -25.76
CA PRO A 260 12.84 2.21 -26.93
C PRO A 260 12.29 0.84 -26.53
N GLY A 261 11.19 0.44 -27.14
CA GLY A 261 10.53 -0.84 -26.88
C GLY A 261 9.07 -0.90 -27.31
N GLY A 262 8.34 -1.83 -26.71
CA GLY A 262 6.92 -2.06 -27.01
C GLY A 262 6.05 -1.14 -26.19
N ALA A 263 4.76 -1.47 -26.09
CA ALA A 263 3.79 -0.75 -25.27
C ALA A 263 4.17 -0.82 -23.76
N MET A 264 3.48 -0.04 -22.94
CA MET A 264 3.69 -0.08 -21.49
C MET A 264 2.55 -0.93 -20.96
N TYR A 265 2.90 -2.00 -20.26
CA TYR A 265 1.96 -2.95 -19.68
C TYR A 265 1.83 -2.75 -18.19
N ALA A 266 0.61 -2.83 -17.70
CA ALA A 266 0.34 -2.63 -16.27
C ALA A 266 -0.74 -3.61 -15.85
N ASP A 267 -0.41 -4.91 -15.81
CA ASP A 267 -1.41 -5.93 -15.44
C ASP A 267 -1.62 -6.07 -13.94
N ASP A 268 -2.88 -6.13 -13.51
CA ASP A 268 -3.24 -6.28 -12.10
C ASP A 268 -3.21 -7.77 -11.79
N THR A 269 -2.66 -8.20 -10.65
CA THR A 269 -2.72 -9.61 -10.22
C THR A 269 -3.99 -9.75 -9.34
N ALA A 270 -4.70 -10.88 -9.45
CA ALA A 270 -5.90 -11.08 -8.61
C ALA A 270 -5.42 -11.53 -7.22
N GLY A 271 -5.57 -10.65 -6.23
CA GLY A 271 -5.19 -10.93 -4.84
C GLY A 271 -3.74 -11.40 -4.67
N TRP A 272 -2.79 -10.54 -5.07
CA TRP A 272 -1.35 -10.81 -4.99
C TRP A 272 -0.89 -11.49 -3.69
N ASP A 273 -1.30 -10.94 -2.51
CA ASP A 273 -0.88 -11.50 -1.20
C ASP A 273 -1.28 -12.93 -1.03
N THR A 274 -2.40 -13.35 -1.63
CA THR A 274 -2.83 -14.77 -1.53
C THR A 274 -2.07 -15.65 -2.53
N ARG A 275 -1.33 -15.05 -3.47
CA ARG A 275 -0.61 -15.76 -4.53
C ARG A 275 0.89 -15.91 -4.25
N ILE A 276 1.32 -15.46 -3.09
CA ILE A 276 2.70 -15.61 -2.63
C ILE A 276 2.84 -17.08 -2.18
N THR A 277 3.65 -17.83 -2.91
CA THR A 277 3.81 -19.26 -2.69
C THR A 277 4.91 -19.59 -1.68
N GLU A 278 5.04 -20.90 -1.34
CA GLU A 278 6.12 -21.36 -0.46
C GLU A 278 7.45 -21.16 -1.17
N ASP A 279 7.46 -21.31 -2.50
CA ASP A 279 8.67 -21.09 -3.31
C ASP A 279 9.03 -19.58 -3.31
N ASP A 280 8.03 -18.66 -3.38
CA ASP A 280 8.33 -17.22 -3.28
C ASP A 280 8.99 -16.90 -1.93
N LEU A 281 8.42 -17.40 -0.83
CA LEU A 281 8.94 -17.16 0.53
C LEU A 281 10.36 -17.66 0.72
N HIS A 282 10.71 -18.80 0.10
CA HIS A 282 12.05 -19.32 0.22
CA HIS A 282 12.05 -19.40 0.14
C HIS A 282 13.04 -18.50 -0.59
N ASN A 283 12.59 -17.87 -1.70
CA ASN A 283 13.42 -16.99 -2.52
C ASN A 283 13.63 -15.64 -1.82
N GLU A 284 12.59 -15.16 -1.10
CA GLU A 284 12.67 -13.88 -0.36
C GLU A 284 13.62 -14.00 0.81
N GLU A 285 13.65 -15.17 1.43
CA GLU A 285 14.50 -15.48 2.60
C GLU A 285 16.01 -15.41 2.28
N LYS A 286 16.39 -15.44 0.99
CA LYS A 286 17.81 -15.41 0.55
C LYS A 286 18.56 -14.15 0.97
N ILE A 287 17.85 -13.06 1.27
CA ILE A 287 18.47 -11.85 1.79
C ILE A 287 19.26 -12.14 3.10
N ILE A 288 18.85 -13.17 3.88
CA ILE A 288 19.53 -13.49 5.15
C ILE A 288 21.04 -13.84 4.93
N GLN A 289 21.42 -14.29 3.71
CA GLN A 289 22.82 -14.63 3.39
C GLN A 289 23.75 -13.42 3.45
N GLN A 290 23.19 -12.20 3.36
CA GLN A 290 23.93 -10.94 3.38
C GLN A 290 24.02 -10.32 4.77
N MET A 291 23.39 -10.96 5.73
CA MET A 291 23.31 -10.45 7.09
C MET A 291 24.46 -10.86 7.98
N ASP A 292 24.79 -9.96 8.96
CA ASP A 292 25.73 -10.28 10.04
C ASP A 292 25.13 -11.45 10.84
N PRO A 293 25.96 -12.28 11.52
CA PRO A 293 25.41 -13.46 12.23
C PRO A 293 24.28 -13.20 13.24
N GLU A 294 24.37 -12.15 14.09
CA GLU A 294 23.31 -11.86 15.07
C GLU A 294 21.99 -11.40 14.36
N HIS A 295 22.13 -10.69 13.22
CA HIS A 295 20.98 -10.24 12.43
C HIS A 295 20.34 -11.44 11.73
N ARG A 296 21.15 -12.25 11.05
CA ARG A 296 20.67 -13.46 10.37
C ARG A 296 19.82 -14.34 11.31
N GLN A 297 20.28 -14.53 12.57
CA GLN A 297 19.55 -15.36 13.52
C GLN A 297 18.12 -14.85 13.77
N LEU A 298 17.98 -13.53 13.93
CA LEU A 298 16.68 -12.91 14.20
C LEU A 298 15.78 -12.90 12.98
N ALA A 299 16.37 -12.64 11.79
CA ALA A 299 15.61 -12.60 10.53
C ALA A 299 15.17 -13.99 10.11
N ASN A 300 16.04 -14.99 10.33
CA ASN A 300 15.69 -16.38 10.07
C ASN A 300 14.50 -16.76 10.95
N ALA A 301 14.45 -16.27 12.21
CA ALA A 301 13.34 -16.53 13.11
C ALA A 301 12.04 -15.90 12.57
N ILE A 302 12.09 -14.65 12.09
CA ILE A 302 10.91 -14.01 11.48
C ILE A 302 10.43 -14.84 10.25
N PHE A 303 11.36 -15.17 9.31
CA PHE A 303 10.97 -15.91 8.12
C PHE A 303 10.39 -17.27 8.42
N LYS A 304 11.11 -18.10 9.17
CA LYS A 304 10.69 -19.47 9.45
C LYS A 304 9.47 -19.58 10.38
N LEU A 305 9.36 -18.70 11.39
CA LEU A 305 8.26 -18.81 12.37
C LEU A 305 7.04 -17.95 12.11
N THR A 306 7.17 -16.80 11.41
CA THR A 306 6.03 -15.89 11.25
C THR A 306 5.63 -15.62 9.78
N TYR A 307 6.50 -15.97 8.80
CA TYR A 307 6.17 -15.81 7.38
C TYR A 307 5.84 -17.17 6.73
N GLN A 308 6.74 -18.16 6.90
CA GLN A 308 6.58 -19.52 6.34
C GLN A 308 5.68 -20.41 7.18
N ASN A 309 5.36 -19.94 8.37
CA ASN A 309 4.43 -20.56 9.30
C ASN A 309 3.83 -19.35 9.92
N LYS A 310 2.55 -19.39 10.19
CA LYS A 310 1.87 -18.26 10.80
C LYS A 310 0.67 -18.74 11.54
N VAL A 311 0.31 -18.01 12.62
CA VAL A 311 -0.86 -18.27 13.47
C VAL A 311 -1.68 -17.00 13.35
N VAL A 312 -2.92 -17.16 12.92
CA VAL A 312 -3.81 -16.05 12.62
C VAL A 312 -5.10 -16.11 13.44
N LYS A 313 -5.57 -14.93 13.88
CA LYS A 313 -6.81 -14.72 14.61
C LYS A 313 -7.80 -14.05 13.66
N VAL A 314 -9.02 -14.58 13.57
CA VAL A 314 -10.09 -14.00 12.75
C VAL A 314 -11.45 -14.15 13.49
N GLN A 315 -12.26 -13.08 13.51
CA GLN A 315 -13.57 -13.08 14.16
C GLN A 315 -14.62 -13.74 13.29
N ARG A 316 -15.58 -14.45 13.89
CA ARG A 316 -16.62 -15.14 13.12
C ARG A 316 -17.99 -15.09 13.84
N PRO A 317 -19.08 -14.65 13.16
CA PRO A 317 -20.40 -14.65 13.84
C PRO A 317 -21.01 -16.05 13.88
N THR A 318 -21.60 -16.40 15.02
CA THR A 318 -22.24 -17.69 15.26
C THR A 318 -23.68 -17.42 15.78
N PRO A 319 -24.63 -18.40 15.74
CA PRO A 319 -25.97 -18.12 16.32
C PRO A 319 -25.88 -17.66 17.79
N THR A 320 -24.93 -18.26 18.55
CA THR A 320 -24.65 -17.97 19.96
C THR A 320 -24.04 -16.58 20.19
N GLY A 321 -23.28 -16.04 19.21
CA GLY A 321 -22.63 -14.74 19.31
C GLY A 321 -21.48 -14.52 18.35
N THR A 322 -20.28 -14.23 18.90
CA THR A 322 -19.05 -13.99 18.13
C THR A 322 -17.89 -14.82 18.72
N VAL A 323 -17.17 -15.53 17.84
CA VAL A 323 -16.01 -16.34 18.22
C VAL A 323 -14.77 -15.83 17.52
N MET A 324 -13.60 -16.12 18.10
CA MET A 324 -12.30 -15.83 17.52
C MET A 324 -11.76 -17.18 17.11
N ASP A 325 -11.42 -17.33 15.82
CA ASP A 325 -10.88 -18.59 15.32
C ASP A 325 -9.36 -18.49 15.27
N ILE A 326 -8.71 -19.61 15.56
CA ILE A 326 -7.25 -19.76 15.52
C ILE A 326 -6.93 -20.62 14.33
N ILE A 327 -6.30 -20.02 13.30
CA ILE A 327 -5.98 -20.74 12.06
C ILE A 327 -4.52 -20.60 11.70
N SER A 328 -4.04 -21.45 10.80
CA SER A 328 -2.65 -21.41 10.35
C SER A 328 -2.47 -21.88 8.90
N ARG A 329 -1.34 -21.49 8.28
CA ARG A 329 -0.93 -21.93 6.95
C ARG A 329 0.56 -21.67 6.71
N LYS A 330 1.10 -22.26 5.65
CA LYS A 330 2.51 -22.14 5.32
C LYS A 330 2.83 -21.13 4.20
N ASP A 331 1.82 -20.60 3.50
CA ASP A 331 2.09 -19.62 2.45
C ASP A 331 1.18 -18.44 2.56
N GLN A 332 1.14 -17.63 1.49
CA GLN A 332 0.49 -16.34 1.38
C GLN A 332 1.29 -15.33 2.16
N ARG A 333 0.96 -14.06 1.97
CA ARG A 333 1.59 -12.94 2.64
C ARG A 333 0.59 -12.36 3.62
N GLY A 334 1.05 -12.10 4.85
CA GLY A 334 0.27 -11.39 5.86
C GLY A 334 0.31 -9.92 5.46
N SER A 335 -0.81 -9.40 4.98
CA SER A 335 -0.96 -8.04 4.43
C SER A 335 -0.50 -6.86 5.34
N GLY A 336 -0.73 -6.95 6.63
CA GLY A 336 -0.40 -5.83 7.52
C GLY A 336 0.93 -5.91 8.25
N GLN A 337 1.95 -6.51 7.62
CA GLN A 337 3.26 -6.70 8.22
C GLN A 337 4.31 -5.72 7.71
N VAL A 338 5.38 -5.53 8.51
CA VAL A 338 6.48 -4.61 8.21
C VAL A 338 7.15 -4.94 6.84
N GLY A 339 7.42 -6.20 6.62
CA GLY A 339 8.13 -6.62 5.41
C GLY A 339 7.31 -6.76 4.16
N THR A 340 5.98 -6.64 4.26
CA THR A 340 5.05 -6.88 3.12
C THR A 340 5.37 -6.07 1.87
N TYR A 341 5.51 -4.75 2.01
CA TYR A 341 5.70 -3.88 0.87
C TYR A 341 6.97 -4.24 0.11
N GLY A 342 8.09 -4.28 0.86
CA GLY A 342 9.40 -4.57 0.29
C GLY A 342 9.47 -5.95 -0.33
N LEU A 343 9.00 -6.99 0.37
CA LEU A 343 9.04 -8.37 -0.15
C LEU A 343 8.11 -8.56 -1.38
N ASN A 344 6.93 -7.90 -1.39
CA ASN A 344 6.05 -7.93 -2.58
C ASN A 344 6.76 -7.24 -3.74
N THR A 345 7.43 -6.09 -3.47
CA THR A 345 8.16 -5.35 -4.52
C THR A 345 9.25 -6.26 -5.10
N PHE A 346 10.03 -6.93 -4.22
CA PHE A 346 11.09 -7.87 -4.63
C PHE A 346 10.53 -8.96 -5.53
N THR A 347 9.51 -9.70 -5.04
CA THR A 347 8.96 -10.83 -5.81
C THR A 347 8.32 -10.36 -7.13
N ASN A 348 7.72 -9.18 -7.15
CA ASN A 348 7.12 -8.65 -8.38
C ASN A 348 8.22 -8.28 -9.41
N MET A 349 9.33 -7.68 -8.92
CA MET A 349 10.48 -7.36 -9.77
C MET A 349 10.99 -8.66 -10.40
N GLU A 350 11.15 -9.71 -9.58
CA GLU A 350 11.61 -11.01 -10.07
C GLU A 350 10.63 -11.57 -11.13
N ALA A 351 9.33 -11.63 -10.80
CA ALA A 351 8.28 -12.16 -11.70
C ALA A 351 8.23 -11.40 -13.04
N GLN A 352 8.41 -10.06 -13.02
CA GLN A 352 8.38 -9.27 -14.27
C GLN A 352 9.64 -9.48 -15.10
N LEU A 353 10.78 -9.75 -14.45
CA LEU A 353 12.01 -10.06 -15.21
C LEU A 353 11.84 -11.38 -15.89
N VAL A 354 11.26 -12.36 -15.18
CA VAL A 354 10.99 -13.71 -15.73
C VAL A 354 10.04 -13.58 -16.94
N ARG A 355 8.98 -12.77 -16.79
CA ARG A 355 8.04 -12.54 -17.91
C ARG A 355 8.77 -11.88 -19.10
N GLN A 356 9.67 -10.90 -18.85
CA GLN A 356 10.47 -10.28 -19.94
C GLN A 356 11.37 -11.33 -20.64
N MET A 357 11.97 -12.26 -19.86
CA MET A 357 12.81 -13.36 -20.45
C MET A 357 11.96 -14.21 -21.38
N GLU A 358 10.75 -14.60 -20.95
CA GLU A 358 9.84 -15.40 -21.78
C GLU A 358 9.48 -14.62 -23.09
N GLY A 359 9.16 -13.32 -22.95
CA GLY A 359 8.82 -12.49 -24.11
C GLY A 359 9.95 -12.46 -25.13
N GLU A 360 11.20 -12.42 -24.63
CA GLU A 360 12.38 -12.39 -25.50
C GLU A 360 12.78 -13.77 -26.06
N GLY A 361 12.06 -14.82 -25.71
CA GLY A 361 12.37 -16.17 -26.17
C GLY A 361 13.46 -16.87 -25.38
N VAL A 362 13.98 -16.24 -24.29
CA VAL A 362 15.02 -16.82 -23.41
C VAL A 362 14.44 -18.03 -22.65
N LEU A 363 13.20 -17.95 -22.20
CA LEU A 363 12.49 -19.04 -21.54
C LEU A 363 11.40 -19.53 -22.43
N THR A 364 11.39 -20.84 -22.69
CA THR A 364 10.38 -21.53 -23.50
C THR A 364 9.46 -22.34 -22.63
N LYS A 365 8.34 -22.77 -23.21
CA LYS A 365 7.40 -23.66 -22.56
C LYS A 365 8.16 -24.94 -22.08
N ALA A 366 9.07 -25.49 -22.93
CA ALA A 366 9.88 -26.67 -22.55
C ALA A 366 10.76 -26.40 -21.32
N ASP A 367 11.39 -25.21 -21.22
CA ASP A 367 12.21 -24.81 -20.09
C ASP A 367 11.46 -24.81 -18.77
N LEU A 368 10.21 -24.29 -18.77
CA LEU A 368 9.41 -24.20 -17.56
C LEU A 368 9.07 -25.55 -16.97
N GLU A 369 8.91 -26.58 -17.82
CA GLU A 369 8.59 -27.93 -17.30
C GLU A 369 9.86 -28.70 -16.93
N ASN A 370 11.04 -28.19 -17.36
CA ASN A 370 12.33 -28.86 -17.21
C ASN A 370 13.08 -28.55 -15.90
N PRO A 371 13.17 -29.50 -14.94
CA PRO A 371 13.98 -29.24 -13.73
C PRO A 371 15.46 -29.00 -14.06
N HIS A 372 15.92 -29.67 -15.13
CA HIS A 372 17.28 -29.64 -15.63
C HIS A 372 17.51 -28.53 -16.68
N LEU A 373 16.69 -27.45 -16.71
CA LEU A 373 16.93 -26.40 -17.71
C LEU A 373 18.33 -25.78 -17.57
N LEU A 374 18.86 -25.25 -18.67
CA LEU A 374 20.17 -24.61 -18.71
C LEU A 374 20.20 -23.33 -17.90
N GLU A 375 20.88 -23.37 -16.74
CA GLU A 375 21.03 -22.22 -15.85
C GLU A 375 21.81 -21.11 -16.50
N LYS A 376 22.85 -21.47 -17.29
CA LYS A 376 23.76 -20.52 -17.97
C LYS A 376 23.07 -19.47 -18.85
N LYS A 377 22.03 -19.81 -19.63
CA LYS A 377 21.39 -18.80 -20.45
C LYS A 377 20.63 -17.77 -19.60
N ILE A 378 20.09 -18.20 -18.44
CA ILE A 378 19.37 -17.31 -17.51
C ILE A 378 20.39 -16.33 -16.93
N THR A 379 21.49 -16.89 -16.37
CA THR A 379 22.62 -16.15 -15.80
C THR A 379 23.17 -15.14 -16.81
N GLN A 380 23.44 -15.58 -18.06
CA GLN A 380 23.94 -14.72 -19.14
C GLN A 380 22.97 -13.52 -19.42
N TRP A 381 21.67 -13.78 -19.49
CA TRP A 381 20.67 -12.71 -19.71
C TRP A 381 20.66 -11.76 -18.52
N LEU A 382 20.68 -12.28 -17.28
CA LEU A 382 20.69 -11.40 -16.10
C LEU A 382 21.93 -10.51 -16.03
N GLU A 383 23.12 -11.10 -16.26
CA GLU A 383 24.39 -10.39 -16.18
C GLU A 383 24.59 -9.36 -17.28
N THR A 384 24.04 -9.59 -18.47
CA THR A 384 24.22 -8.66 -19.58
C THR A 384 23.06 -7.69 -19.78
N LYS A 385 21.81 -8.15 -19.50
CA LYS A 385 20.60 -7.36 -19.73
C LYS A 385 19.76 -6.99 -18.49
N GLY A 386 19.95 -7.70 -17.37
CA GLY A 386 19.19 -7.55 -16.11
C GLY A 386 18.86 -6.15 -15.68
N VAL A 387 19.91 -5.33 -15.46
CA VAL A 387 19.79 -3.96 -15.02
C VAL A 387 19.05 -3.12 -16.02
N GLU A 388 19.35 -3.27 -17.31
CA GLU A 388 18.66 -2.51 -18.35
C GLU A 388 17.17 -2.86 -18.32
N ARG A 389 16.82 -4.15 -18.14
CA ARG A 389 15.42 -4.60 -18.08
C ARG A 389 14.71 -4.11 -16.80
N LEU A 390 15.43 -3.95 -15.68
CA LEU A 390 14.85 -3.40 -14.45
C LEU A 390 14.46 -1.94 -14.63
N LYS A 391 15.29 -1.19 -15.38
CA LYS A 391 15.05 0.23 -15.68
C LYS A 391 13.79 0.48 -16.54
N ARG A 392 13.26 -0.57 -17.20
CA ARG A 392 12.06 -0.52 -18.05
C ARG A 392 10.81 -0.66 -17.18
N MET A 393 10.98 -0.70 -15.87
CA MET A 393 9.84 -0.93 -14.97
C MET A 393 9.70 0.04 -13.86
N ALA A 394 8.47 0.17 -13.36
CA ALA A 394 8.10 0.93 -12.18
C ALA A 394 7.29 -0.07 -11.37
N ILE A 395 7.85 -0.51 -10.23
CA ILE A 395 7.25 -1.54 -9.39
C ILE A 395 7.06 -1.08 -7.95
N SER A 396 5.80 -1.13 -7.47
CA SER A 396 5.46 -0.72 -6.11
C SER A 396 4.57 -1.82 -5.51
N GLY A 397 5.19 -2.74 -4.77
CA GLY A 397 4.47 -3.89 -4.25
C GLY A 397 3.92 -4.72 -5.39
N ASP A 398 2.61 -5.01 -5.38
CA ASP A 398 1.95 -5.76 -6.47
C ASP A 398 1.68 -4.93 -7.74
N ASP A 399 1.86 -3.59 -7.66
CA ASP A 399 1.65 -2.69 -8.80
C ASP A 399 2.86 -2.65 -9.70
N CYS A 400 2.65 -2.86 -11.00
CA CYS A 400 3.77 -2.82 -11.93
C CYS A 400 3.43 -2.13 -13.24
N VAL A 401 4.44 -1.48 -13.81
CA VAL A 401 4.39 -0.92 -15.14
C VAL A 401 5.67 -1.46 -15.79
N VAL A 402 5.54 -2.09 -16.95
CA VAL A 402 6.64 -2.70 -17.69
C VAL A 402 6.64 -2.25 -19.12
N LYS A 403 7.79 -1.76 -19.64
CA LYS A 403 7.96 -1.41 -21.04
C LYS A 403 8.98 -2.37 -21.63
N PRO A 404 8.54 -3.53 -22.14
CA PRO A 404 9.48 -4.54 -22.66
C PRO A 404 10.13 -4.14 -23.97
N ILE A 405 11.13 -4.89 -24.44
CA ILE A 405 11.87 -4.52 -25.65
C ILE A 405 11.00 -4.57 -26.94
N ASP A 406 9.86 -5.28 -26.90
CA ASP A 406 8.87 -5.38 -28.01
C ASP A 406 7.55 -5.95 -27.43
N ASP A 407 6.55 -6.19 -28.27
CA ASP A 407 5.26 -6.61 -27.75
C ASP A 407 5.06 -8.12 -27.63
N ARG A 408 6.12 -8.94 -27.83
CA ARG A 408 5.97 -10.38 -27.60
C ARG A 408 5.57 -10.63 -26.14
N PHE A 409 5.97 -9.71 -25.22
CA PHE A 409 5.61 -9.72 -23.79
C PHE A 409 4.10 -9.87 -23.57
N ALA A 410 3.26 -9.23 -24.45
CA ALA A 410 1.81 -9.30 -24.28
C ALA A 410 1.28 -10.75 -24.24
N ASN A 411 1.89 -11.64 -25.03
CA ASN A 411 1.50 -13.04 -25.12
C ASN A 411 2.40 -13.98 -24.31
N ALA A 412 3.37 -13.43 -23.58
CA ALA A 412 4.31 -14.23 -22.77
C ALA A 412 3.64 -14.43 -21.40
N LEU A 413 2.80 -15.45 -21.28
CA LEU A 413 1.98 -15.69 -20.08
C LEU A 413 2.23 -17.00 -19.36
N LEU A 414 3.06 -17.85 -19.93
CA LEU A 414 3.31 -19.18 -19.36
C LEU A 414 3.90 -19.11 -17.94
N ALA A 415 5.04 -18.40 -17.79
CA ALA A 415 5.73 -18.25 -16.51
C ALA A 415 4.88 -17.43 -15.52
N LEU A 416 4.26 -16.31 -15.98
CA LEU A 416 3.44 -15.47 -15.11
C LEU A 416 2.32 -16.28 -14.47
N ASN A 417 1.56 -17.05 -15.29
CA ASN A 417 0.48 -17.87 -14.76
C ASN A 417 1.04 -18.98 -13.86
N ASP A 418 2.15 -19.58 -14.28
CA ASP A 418 2.74 -20.73 -13.56
C ASP A 418 3.34 -20.33 -12.18
N MET A 419 3.83 -19.08 -12.05
CA MET A 419 4.37 -18.56 -10.82
C MET A 419 3.23 -18.28 -9.85
N GLY A 420 1.99 -18.33 -10.35
CA GLY A 420 0.80 -18.09 -9.54
C GLY A 420 0.31 -16.67 -9.66
N LYS A 421 0.98 -15.84 -10.45
CA LYS A 421 0.58 -14.43 -10.53
C LYS A 421 -0.45 -14.20 -11.65
N VAL A 422 -1.59 -14.88 -11.51
CA VAL A 422 -2.70 -14.83 -12.48
C VAL A 422 -3.31 -13.42 -12.49
N ARG A 423 -3.43 -12.87 -13.68
CA ARG A 423 -3.97 -11.52 -13.89
C ARG A 423 -5.46 -11.46 -13.55
N LYS A 424 -5.89 -10.37 -12.94
CA LYS A 424 -7.27 -10.20 -12.51
C LYS A 424 -8.22 -9.94 -13.72
N ASP A 425 -9.41 -10.55 -13.70
CA ASP A 425 -10.54 -10.34 -14.62
C ASP A 425 -10.18 -10.35 -16.10
N ILE A 426 -9.51 -11.42 -16.53
CA ILE A 426 -9.11 -11.65 -17.93
C ILE A 426 -8.90 -13.14 -18.07
N PRO A 427 -9.33 -13.81 -19.17
CA PRO A 427 -9.05 -15.24 -19.31
C PRO A 427 -7.54 -15.46 -19.25
N GLN A 428 -7.13 -16.56 -18.66
CA GLN A 428 -5.74 -16.87 -18.41
C GLN A 428 -4.78 -16.70 -19.59
N TRP A 429 -5.22 -17.09 -20.80
CA TRP A 429 -4.35 -17.05 -21.97
C TRP A 429 -4.65 -15.91 -22.95
N GLN A 430 -5.54 -15.00 -22.59
CA GLN A 430 -5.79 -13.84 -23.46
C GLN A 430 -4.59 -12.87 -23.36
N PRO A 431 -4.00 -12.41 -24.50
CA PRO A 431 -2.87 -11.46 -24.40
C PRO A 431 -3.19 -10.21 -23.60
N SER A 432 -2.18 -9.68 -22.89
CA SER A 432 -2.33 -8.45 -22.14
C SER A 432 -2.48 -7.32 -23.15
N LYS A 433 -3.22 -6.31 -22.77
CA LYS A 433 -3.37 -5.12 -23.62
C LYS A 433 -2.43 -4.06 -22.99
N GLY A 434 -1.54 -3.51 -23.78
CA GLY A 434 -0.64 -2.46 -23.32
C GLY A 434 -1.07 -1.09 -23.83
N TRP A 435 -0.43 -0.03 -23.31
CA TRP A 435 -0.70 1.34 -23.76
C TRP A 435 0.46 1.91 -24.46
N HIS A 436 0.20 2.70 -25.53
CA HIS A 436 1.30 3.36 -26.24
C HIS A 436 1.43 4.82 -25.80
N ASP A 437 0.65 5.22 -24.78
CA ASP A 437 0.72 6.57 -24.17
CA ASP A 437 0.69 6.57 -24.17
C ASP A 437 0.86 6.38 -22.66
N TRP A 438 1.98 6.87 -22.10
CA TRP A 438 2.22 6.75 -20.66
C TRP A 438 1.12 7.43 -19.82
N GLN A 439 0.40 8.43 -20.41
CA GLN A 439 -0.70 9.11 -19.69
C GLN A 439 -1.93 8.23 -19.48
N GLN A 440 -2.03 7.13 -20.22
CA GLN A 440 -3.16 6.20 -20.11
C GLN A 440 -2.85 5.06 -19.15
N VAL A 441 -1.61 4.94 -18.71
CA VAL A 441 -1.19 3.83 -17.83
C VAL A 441 -1.72 3.93 -16.40
N PRO A 442 -2.43 2.90 -15.88
CA PRO A 442 -2.79 2.92 -14.46
C PRO A 442 -1.59 2.45 -13.60
N PHE A 443 -1.34 3.12 -12.48
CA PHE A 443 -0.28 2.74 -11.55
C PHE A 443 -0.64 3.30 -10.23
N CYS A 444 -0.66 2.45 -9.18
CA CYS A 444 -0.95 2.87 -7.79
C CYS A 444 -2.27 3.64 -7.66
N SER A 445 -3.31 3.12 -8.35
CA SER A 445 -4.68 3.68 -8.34
C SER A 445 -4.81 5.03 -9.04
N HIS A 446 -3.78 5.46 -9.75
CA HIS A 446 -3.80 6.74 -10.43
C HIS A 446 -3.40 6.58 -11.88
N HIS A 447 -3.53 7.66 -12.62
CA HIS A 447 -2.99 7.82 -13.96
C HIS A 447 -2.40 9.24 -13.91
N PHE A 448 -1.63 9.64 -14.92
CA PHE A 448 -0.92 10.93 -14.82
C PHE A 448 -1.07 11.74 -16.08
N HIS A 449 -1.21 13.07 -15.93
CA HIS A 449 -1.47 13.99 -17.04
C HIS A 449 -0.32 14.96 -17.16
N GLU A 450 0.03 15.32 -18.38
CA GLU A 450 1.04 16.34 -18.59
C GLU A 450 0.25 17.61 -18.87
N LEU A 451 0.52 18.67 -18.11
CA LEU A 451 -0.15 19.97 -18.23
C LEU A 451 0.85 20.99 -18.70
N ILE A 452 0.36 22.00 -19.41
CA ILE A 452 1.19 23.13 -19.82
C ILE A 452 0.72 24.32 -18.99
N MET A 453 1.61 24.89 -18.20
CA MET A 453 1.29 26.05 -17.40
C MET A 453 1.14 27.30 -18.32
N LYS A 454 0.44 28.33 -17.85
CA LYS A 454 0.29 29.60 -18.59
C LYS A 454 1.67 30.20 -18.97
N ASP A 455 2.73 29.92 -18.16
CA ASP A 455 4.07 30.42 -18.45
C ASP A 455 4.89 29.49 -19.38
N GLY A 456 4.26 28.45 -19.94
CA GLY A 456 4.90 27.53 -20.87
C GLY A 456 5.56 26.29 -20.28
N ARG A 457 5.81 26.28 -18.96
CA ARG A 457 6.45 25.12 -18.32
C ARG A 457 5.49 23.93 -18.22
N LYS A 458 6.01 22.73 -18.39
CA LYS A 458 5.21 21.50 -18.29
C LYS A 458 5.21 20.98 -16.88
N LEU A 459 4.08 20.40 -16.43
CA LEU A 459 3.95 19.76 -15.13
C LEU A 459 3.39 18.37 -15.44
N VAL A 460 3.76 17.35 -14.64
CA VAL A 460 3.17 16.01 -14.75
C VAL A 460 2.45 15.81 -13.45
N VAL A 461 1.12 15.61 -13.51
CA VAL A 461 0.26 15.59 -12.34
C VAL A 461 -0.46 14.26 -12.11
N PRO A 462 -0.71 13.89 -10.84
CA PRO A 462 -1.44 12.64 -10.56
C PRO A 462 -2.95 12.85 -10.56
N CYS A 463 -3.74 11.81 -10.94
CA CYS A 463 -5.16 11.96 -11.08
C CYS A 463 -5.85 10.61 -10.89
N ARG A 464 -7.11 10.63 -10.45
CA ARG A 464 -7.91 9.39 -10.35
C ARG A 464 -9.38 9.80 -10.49
N PRO A 465 -10.33 8.87 -10.73
CA PRO A 465 -11.75 9.26 -10.83
C PRO A 465 -12.11 10.13 -9.62
N GLN A 466 -12.69 11.30 -9.88
CA GLN A 466 -13.00 12.29 -8.85
C GLN A 466 -13.89 11.79 -7.76
N ASP A 467 -14.89 10.96 -8.09
CA ASP A 467 -15.79 10.38 -7.08
C ASP A 467 -15.01 9.64 -5.99
N GLU A 468 -13.86 9.05 -6.37
CA GLU A 468 -13.04 8.32 -5.40
C GLU A 468 -12.42 9.30 -4.41
N LEU A 469 -11.97 10.45 -4.92
CA LEU A 469 -11.34 11.49 -4.11
C LEU A 469 -12.33 12.10 -3.15
N ILE A 470 -13.52 12.48 -3.63
CA ILE A 470 -14.59 13.05 -2.81
C ILE A 470 -15.17 12.01 -1.82
N GLY A 471 -15.44 10.79 -2.30
CA GLY A 471 -15.96 9.71 -1.45
C GLY A 471 -15.07 9.41 -0.26
N ARG A 472 -13.75 9.39 -0.48
CA ARG A 472 -12.79 9.14 0.60
C ARG A 472 -12.77 10.29 1.64
N ALA A 473 -12.75 11.54 1.14
CA ALA A 473 -12.69 12.74 1.98
C ALA A 473 -13.94 12.88 2.85
N ARG A 474 -15.06 12.32 2.38
CA ARG A 474 -16.32 12.34 3.13
C ARG A 474 -16.38 11.29 4.25
N ILE A 475 -15.36 10.40 4.36
CA ILE A 475 -15.29 9.38 5.40
C ILE A 475 -14.36 9.83 6.54
N SER A 476 -14.88 9.81 7.77
CA SER A 476 -14.12 10.17 8.97
C SER A 476 -13.54 8.90 9.61
N GLN A 477 -12.44 9.04 10.35
CA GLN A 477 -11.79 7.88 10.95
C GLN A 477 -11.98 7.80 12.46
N GLY A 478 -12.98 7.02 12.87
CA GLY A 478 -13.32 6.80 14.27
C GLY A 478 -14.65 7.37 14.71
N ALA A 479 -15.15 6.84 15.85
CA ALA A 479 -16.42 7.23 16.47
C ALA A 479 -16.13 8.11 17.70
N GLY A 480 -17.07 9.01 17.99
CA GLY A 480 -16.96 9.93 19.12
C GLY A 480 -15.98 11.06 18.86
N TRP A 481 -15.80 11.40 17.56
CA TRP A 481 -14.93 12.48 17.11
C TRP A 481 -15.70 13.78 17.05
N SER A 482 -15.19 14.81 17.76
CA SER A 482 -15.77 16.14 17.84
C SER A 482 -15.79 16.88 16.49
N LEU A 483 -16.50 18.01 16.42
CA LEU A 483 -16.56 18.85 15.23
C LEU A 483 -15.16 19.36 14.88
N ARG A 484 -14.33 19.68 15.92
CA ARG A 484 -12.96 20.16 15.78
C ARG A 484 -12.05 19.16 15.06
N GLU A 485 -12.06 17.89 15.51
CA GLU A 485 -11.26 16.81 14.94
C GLU A 485 -11.72 16.49 13.49
N THR A 486 -13.05 16.52 13.26
CA THR A 486 -13.71 16.27 11.98
C THR A 486 -13.35 17.36 10.96
N ALA A 487 -13.40 18.62 11.39
CA ALA A 487 -13.05 19.77 10.56
C ALA A 487 -11.57 19.73 10.20
N CYS A 488 -10.70 19.34 11.18
CA CYS A 488 -9.26 19.28 10.95
C CYS A 488 -8.89 18.18 9.94
N LEU A 489 -9.63 17.06 9.93
CA LEU A 489 -9.42 16.00 8.94
C LEU A 489 -9.92 16.48 7.58
N GLY A 490 -11.03 17.19 7.57
CA GLY A 490 -11.58 17.82 6.38
C GLY A 490 -10.56 18.74 5.76
N LYS A 491 -9.90 19.57 6.61
CA LYS A 491 -8.84 20.49 6.16
C LYS A 491 -7.64 19.69 5.60
N ALA A 492 -7.31 18.56 6.22
CA ALA A 492 -6.20 17.73 5.74
C ALA A 492 -6.53 17.25 4.30
N TYR A 493 -7.77 16.79 4.05
CA TYR A 493 -8.21 16.38 2.70
C TYR A 493 -8.17 17.53 1.73
N ALA A 494 -8.69 18.70 2.14
CA ALA A 494 -8.68 19.92 1.31
C ALA A 494 -7.27 20.29 0.88
N GLN A 495 -6.34 20.31 1.84
CA GLN A 495 -4.96 20.69 1.59
C GLN A 495 -4.24 19.66 0.76
N MET A 496 -4.58 18.35 0.93
CA MET A 496 -4.03 17.31 0.03
C MET A 496 -4.53 17.60 -1.40
N TRP A 497 -5.81 18.02 -1.56
CA TRP A 497 -6.34 18.36 -2.89
C TRP A 497 -5.61 19.56 -3.49
N SER A 498 -5.33 20.61 -2.68
CA SER A 498 -4.60 21.80 -3.17
CA SER A 498 -4.63 21.79 -3.19
C SER A 498 -3.23 21.43 -3.64
N LEU A 499 -2.58 20.43 -3.00
CA LEU A 499 -1.21 20.05 -3.37
CA LEU A 499 -1.21 20.05 -3.36
C LEU A 499 -1.10 19.03 -4.49
N MET A 500 -1.94 17.99 -4.47
CA MET A 500 -1.82 16.94 -5.50
C MET A 500 -2.87 16.97 -6.60
N TYR A 501 -4.06 17.47 -6.29
CA TYR A 501 -5.20 17.41 -7.21
C TYR A 501 -5.82 18.78 -7.54
N PHE A 502 -5.01 19.84 -7.45
CA PHE A 502 -5.38 21.24 -7.70
C PHE A 502 -5.89 21.46 -9.12
N HIS A 503 -5.50 20.58 -10.06
CA HIS A 503 -5.81 20.60 -11.48
C HIS A 503 -7.24 20.15 -11.80
N ARG A 504 -7.99 19.71 -10.78
CA ARG A 504 -9.39 19.30 -10.85
C ARG A 504 -10.22 20.48 -10.33
N ARG A 505 -11.00 21.12 -11.22
CA ARG A 505 -11.80 22.33 -10.92
C ARG A 505 -12.65 22.20 -9.65
N ASP A 506 -13.42 21.09 -9.54
CA ASP A 506 -14.30 20.87 -8.38
C ASP A 506 -13.50 20.72 -7.10
N LEU A 507 -12.31 20.09 -7.17
CA LEU A 507 -11.55 19.87 -5.95
C LEU A 507 -10.88 21.16 -5.51
N ARG A 508 -10.44 22.01 -6.44
CA ARG A 508 -9.86 23.30 -6.02
C ARG A 508 -10.94 24.17 -5.35
N LEU A 509 -12.14 24.22 -5.94
CA LEU A 509 -13.28 24.95 -5.38
C LEU A 509 -13.65 24.39 -4.01
N ALA A 510 -13.90 23.04 -3.89
CA ALA A 510 -14.22 22.42 -2.61
C ALA A 510 -13.10 22.63 -1.58
N SER A 511 -11.81 22.57 -2.01
CA SER A 511 -10.66 22.77 -1.10
C SER A 511 -10.73 24.20 -0.50
N ASN A 512 -10.90 25.23 -1.38
CA ASN A 512 -11.02 26.63 -0.99
C ASN A 512 -12.18 26.81 0.00
N ALA A 513 -13.33 26.16 -0.29
CA ALA A 513 -14.51 26.17 0.58
C ALA A 513 -14.23 25.58 1.96
N ILE A 514 -13.58 24.38 2.03
CA ILE A 514 -13.24 23.70 3.30
C ILE A 514 -12.28 24.57 4.11
N CYS A 515 -11.24 25.10 3.46
CA CYS A 515 -10.25 25.96 4.13
C CYS A 515 -10.81 27.32 4.56
N SER A 516 -11.92 27.76 3.95
CA SER A 516 -12.60 28.99 4.33
C SER A 516 -13.52 28.73 5.54
N ALA A 517 -14.02 27.48 5.68
CA ALA A 517 -14.95 27.06 6.73
C ALA A 517 -14.26 26.63 8.03
N VAL A 518 -12.97 26.25 7.96
CA VAL A 518 -12.20 25.73 9.11
C VAL A 518 -11.29 26.86 9.63
N PRO A 519 -11.26 27.13 10.95
CA PRO A 519 -10.35 28.19 11.47
C PRO A 519 -8.92 28.02 10.94
N VAL A 520 -8.33 29.10 10.40
CA VAL A 520 -6.99 29.16 9.77
C VAL A 520 -5.88 28.57 10.62
N HIS A 521 -5.94 28.77 11.95
CA HIS A 521 -4.88 28.30 12.83
C HIS A 521 -5.08 26.86 13.31
N TRP A 522 -6.22 26.22 12.96
CA TRP A 522 -6.42 24.81 13.33
C TRP A 522 -5.53 23.93 12.45
N VAL A 523 -4.73 23.11 13.09
CA VAL A 523 -3.76 22.20 12.47
C VAL A 523 -4.49 20.96 11.93
N PRO A 524 -4.29 20.60 10.64
CA PRO A 524 -4.89 19.34 10.13
C PRO A 524 -4.42 18.14 10.96
N THR A 525 -5.35 17.23 11.30
CA THR A 525 -5.04 16.05 12.08
C THR A 525 -5.40 14.77 11.35
N SER A 526 -5.08 13.63 11.98
CA SER A 526 -5.24 12.27 11.49
C SER A 526 -4.41 12.12 10.21
N ARG A 527 -4.86 11.34 9.24
CA ARG A 527 -4.16 11.16 7.98
C ARG A 527 -5.19 10.92 6.92
N THR A 528 -4.89 11.37 5.72
CA THR A 528 -5.81 11.24 4.59
C THR A 528 -5.65 9.91 3.88
N THR A 529 -4.49 9.26 4.08
CA THR A 529 -4.14 8.00 3.44
C THR A 529 -2.99 7.32 4.21
N TRP A 530 -2.88 5.99 4.07
CA TRP A 530 -1.78 5.20 4.61
C TRP A 530 -0.82 4.80 3.50
N SER A 531 -1.02 5.34 2.27
CA SER A 531 -0.14 5.02 1.14
C SER A 531 1.30 5.38 1.44
N ILE A 532 2.23 4.50 1.03
CA ILE A 532 3.67 4.72 1.18
C ILE A 532 4.12 5.86 0.29
N HIS A 533 3.30 6.20 -0.73
CA HIS A 533 3.59 7.28 -1.66
C HIS A 533 3.17 8.65 -1.14
N ALA A 534 2.53 8.73 0.05
CA ALA A 534 2.10 10.01 0.62
C ALA A 534 3.16 10.54 1.58
N HIS A 535 3.58 11.80 1.38
CA HIS A 535 4.59 12.43 2.25
C HIS A 535 3.97 13.47 3.17
N HIS A 536 2.64 13.65 3.04
CA HIS A 536 1.79 14.46 3.91
C HIS A 536 2.26 15.93 4.07
N GLN A 537 2.70 16.56 2.97
CA GLN A 537 3.12 17.98 3.01
C GLN A 537 1.93 18.90 3.31
N TRP A 538 0.70 18.37 3.22
CA TRP A 538 -0.53 19.10 3.49
C TRP A 538 -0.86 19.15 4.99
N MET A 539 -0.06 18.44 5.81
CA MET A 539 -0.29 18.38 7.26
C MET A 539 0.46 19.58 7.88
N THR A 540 -0.03 20.77 7.59
CA THR A 540 0.59 22.04 8.00
C THR A 540 -0.41 23.18 8.02
N THR A 541 -0.02 24.33 8.62
CA THR A 541 -0.84 25.55 8.58
C THR A 541 -0.09 26.56 7.74
N GLU A 542 1.03 26.14 7.15
CA GLU A 542 1.77 26.98 6.21
C GLU A 542 0.87 27.26 4.99
N ASP A 543 1.08 28.41 4.32
CA ASP A 543 0.33 28.78 3.12
C ASP A 543 0.47 27.65 2.07
N MET A 544 -0.67 27.15 1.55
CA MET A 544 -0.66 26.06 0.55
C MET A 544 0.02 26.44 -0.75
N LEU A 545 -0.03 27.73 -1.14
CA LEU A 545 0.69 28.13 -2.35
C LEU A 545 2.22 28.05 -2.17
N THR A 546 2.71 28.36 -0.97
CA THR A 546 4.13 28.25 -0.60
C THR A 546 4.55 26.77 -0.64
N VAL A 547 3.75 25.91 -0.06
CA VAL A 547 4.01 24.46 -0.08
C VAL A 547 3.98 23.94 -1.56
N TRP A 548 2.98 24.39 -2.35
CA TRP A 548 2.81 24.01 -3.75
C TRP A 548 4.10 24.35 -4.49
N ASN A 549 4.65 25.59 -4.29
CA ASN A 549 5.91 25.99 -4.93
C ASN A 549 7.07 25.10 -4.52
N ARG A 550 7.17 24.75 -3.25
CA ARG A 550 8.26 23.91 -2.74
C ARG A 550 8.24 22.54 -3.43
N VAL A 551 7.07 21.91 -3.47
CA VAL A 551 6.91 20.56 -4.05
C VAL A 551 7.02 20.55 -5.56
N TRP A 552 6.24 21.40 -6.26
CA TRP A 552 6.17 21.37 -7.73
C TRP A 552 7.25 22.13 -8.45
N ILE A 553 7.89 23.11 -7.78
CA ILE A 553 8.92 23.91 -8.44
C ILE A 553 10.30 23.65 -7.83
N GLU A 554 10.50 24.11 -6.59
CA GLU A 554 11.81 24.04 -5.90
C GLU A 554 12.44 22.67 -5.81
N GLU A 555 11.71 21.73 -5.22
CA GLU A 555 12.18 20.36 -5.00
C GLU A 555 12.03 19.46 -6.21
N ASN A 556 11.24 19.87 -7.20
CA ASN A 556 10.92 19.06 -8.37
C ASN A 556 12.11 18.91 -9.31
N PRO A 557 12.75 17.72 -9.38
CA PRO A 557 13.91 17.57 -10.28
C PRO A 557 13.59 17.63 -11.76
N TRP A 558 12.31 17.48 -12.15
CA TRP A 558 11.95 17.59 -13.55
C TRP A 558 11.51 19.03 -13.90
N MET A 559 11.69 19.99 -12.96
CA MET A 559 11.33 21.41 -13.21
C MET A 559 12.68 22.15 -13.24
N GLU A 560 13.27 22.39 -14.42
CA GLU A 560 14.59 23.07 -14.54
C GLU A 560 14.48 24.56 -14.14
N ASP A 561 13.42 25.22 -14.57
CA ASP A 561 13.21 26.62 -14.27
C ASP A 561 12.53 26.75 -12.91
N LYS A 562 13.26 27.32 -11.93
CA LYS A 562 12.76 27.44 -10.57
C LYS A 562 11.93 28.69 -10.29
N THR A 563 11.49 29.41 -11.33
CA THR A 563 10.64 30.60 -11.11
C THR A 563 9.36 30.21 -10.31
N PRO A 564 9.09 30.87 -9.17
CA PRO A 564 7.88 30.53 -8.40
C PRO A 564 6.60 31.01 -9.07
N VAL A 565 5.48 30.36 -8.73
CA VAL A 565 4.16 30.75 -9.18
C VAL A 565 3.64 31.62 -8.04
N THR A 566 3.25 32.86 -8.33
CA THR A 566 2.91 33.82 -7.30
C THR A 566 1.41 33.90 -6.99
N THR A 567 0.62 33.21 -7.79
CA THR A 567 -0.83 33.22 -7.61
C THR A 567 -1.43 31.87 -8.06
N TRP A 568 -2.49 31.42 -7.39
CA TRP A 568 -3.25 30.19 -7.74
C TRP A 568 -3.82 30.31 -9.17
N GLU A 569 -3.99 31.57 -9.66
CA GLU A 569 -4.46 31.86 -11.00
C GLU A 569 -3.50 31.31 -12.04
N ASN A 570 -2.23 31.17 -11.68
CA ASN A 570 -1.21 30.63 -12.56
C ASN A 570 -0.91 29.14 -12.28
N VAL A 571 -1.68 28.53 -11.35
CA VAL A 571 -1.56 27.08 -11.04
C VAL A 571 -2.57 26.41 -11.97
N PRO A 572 -2.10 25.55 -12.90
CA PRO A 572 -3.00 25.07 -13.95
C PRO A 572 -4.05 24.05 -13.56
N TYR A 573 -5.02 23.93 -14.45
CA TYR A 573 -6.08 22.95 -14.38
C TYR A 573 -5.89 21.98 -15.52
N LEU A 574 -6.52 20.82 -15.44
CA LEU A 574 -6.61 19.92 -16.58
C LEU A 574 -7.42 20.67 -17.62
N GLY A 575 -7.27 20.31 -18.89
CA GLY A 575 -8.14 20.84 -19.93
C GLY A 575 -9.55 20.47 -19.51
N LYS A 576 -10.54 21.30 -19.82
CA LYS A 576 -11.92 21.05 -19.40
C LYS A 576 -12.47 19.65 -19.78
N ARG A 577 -12.19 19.18 -21.01
CA ARG A 577 -12.69 17.87 -21.47
C ARG A 577 -12.08 16.72 -20.65
N GLU A 578 -10.77 16.78 -20.36
CA GLU A 578 -10.08 15.80 -19.51
C GLU A 578 -10.65 15.81 -18.09
N ASP A 579 -10.90 17.01 -17.51
CA ASP A 579 -11.47 17.08 -16.16
C ASP A 579 -12.81 16.34 -16.15
N GLN A 580 -13.63 16.59 -17.17
CA GLN A 580 -14.93 15.93 -17.31
C GLN A 580 -14.73 14.42 -17.49
N TRP A 581 -13.80 13.99 -18.36
CA TRP A 581 -13.56 12.55 -18.57
C TRP A 581 -13.13 11.90 -17.24
N CYS A 582 -12.42 12.66 -16.39
CA CYS A 582 -11.98 12.12 -15.12
C CYS A 582 -12.94 12.38 -13.95
N GLY A 583 -14.19 12.67 -14.28
CA GLY A 583 -15.27 12.75 -13.31
C GLY A 583 -15.79 14.09 -12.85
N SER A 584 -15.31 15.21 -13.42
CA SER A 584 -15.76 16.56 -13.01
C SER A 584 -17.24 16.77 -13.30
N LEU A 585 -17.91 17.51 -12.41
CA LEU A 585 -19.31 17.90 -12.61
C LEU A 585 -19.38 19.27 -13.28
N ILE A 586 -18.24 19.82 -13.76
CA ILE A 586 -18.22 21.12 -14.43
C ILE A 586 -19.14 21.06 -15.66
N GLY A 587 -19.99 22.07 -15.80
CA GLY A 587 -20.92 22.12 -16.92
C GLY A 587 -22.30 21.66 -16.55
N LEU A 588 -22.47 21.06 -15.35
CA LEU A 588 -23.79 20.64 -14.88
C LEU A 588 -24.40 21.80 -14.10
N THR A 589 -25.74 21.93 -14.16
CA THR A 589 -26.50 22.98 -13.46
C THR A 589 -26.36 22.87 -11.94
N SER A 590 -26.48 21.64 -11.39
CA SER A 590 -26.33 21.40 -9.95
C SER A 590 -24.94 21.85 -9.46
N ARG A 591 -23.89 21.66 -10.28
CA ARG A 591 -22.52 22.09 -9.97
C ARG A 591 -22.45 23.62 -9.99
N ALA A 592 -23.07 24.26 -11.02
CA ALA A 592 -23.10 25.73 -11.15
C ALA A 592 -23.82 26.34 -9.94
N THR A 593 -24.91 25.71 -9.49
CA THR A 593 -25.70 26.11 -8.33
C THR A 593 -24.88 26.00 -7.03
N TRP A 594 -24.13 24.90 -6.87
CA TRP A 594 -23.25 24.68 -5.73
C TRP A 594 -22.19 25.77 -5.68
N ALA A 595 -21.49 26.03 -6.80
CA ALA A 595 -20.41 27.02 -6.89
C ALA A 595 -20.91 28.43 -6.50
N GLN A 596 -22.10 28.79 -7.00
CA GLN A 596 -22.82 30.05 -6.78
C GLN A 596 -23.18 30.26 -5.30
N ASN A 597 -23.70 29.21 -4.65
CA ASN A 597 -24.20 29.23 -3.28
C ASN A 597 -23.24 28.71 -2.20
N ILE A 598 -21.99 28.36 -2.57
CA ILE A 598 -20.99 27.85 -1.62
C ILE A 598 -20.69 28.86 -0.45
N PRO A 599 -20.71 30.22 -0.59
CA PRO A 599 -20.48 31.09 0.59
C PRO A 599 -21.47 30.86 1.73
N THR A 600 -22.72 30.47 1.38
CA THR A 600 -23.81 30.17 2.32
C THR A 600 -23.46 28.92 3.13
N ALA A 601 -23.00 27.84 2.46
CA ALA A 601 -22.64 26.60 3.15
C ALA A 601 -21.42 26.83 4.05
N ILE A 602 -20.43 27.62 3.59
CA ILE A 602 -19.22 27.97 4.35
C ILE A 602 -19.64 28.67 5.67
N GLN A 603 -20.56 29.67 5.56
CA GLN A 603 -21.08 30.42 6.71
C GLN A 603 -21.78 29.51 7.69
N GLN A 604 -22.58 28.55 7.18
CA GLN A 604 -23.26 27.57 8.02
C GLN A 604 -22.25 26.75 8.83
N VAL A 605 -21.14 26.33 8.21
CA VAL A 605 -20.11 25.57 8.93
C VAL A 605 -19.48 26.47 9.99
N ARG A 606 -19.08 27.70 9.59
CA ARG A 606 -18.48 28.70 10.47
C ARG A 606 -19.34 28.97 11.70
N SER A 607 -20.68 29.13 11.50
CA SER A 607 -21.59 29.41 12.60
C SER A 607 -21.62 28.26 13.63
N LEU A 608 -21.51 26.98 13.18
CA LEU A 608 -21.50 25.83 14.09
C LEU A 608 -20.15 25.62 14.74
N ILE A 609 -19.06 26.05 14.09
CA ILE A 609 -17.72 25.99 14.67
C ILE A 609 -17.59 27.08 15.76
N GLY A 610 -18.10 28.28 15.49
CA GLY A 610 -18.09 29.36 16.46
C GLY A 610 -17.27 30.59 16.12
N ASN A 611 -17.03 31.43 17.15
CA ASN A 611 -16.26 32.67 17.01
C ASN A 611 -14.77 32.35 17.00
N GLU A 612 -14.26 32.07 15.80
CA GLU A 612 -12.86 31.73 15.55
C GLU A 612 -12.35 32.59 14.40
N GLU A 613 -11.05 32.54 14.11
CA GLU A 613 -10.47 33.32 13.02
C GLU A 613 -10.56 32.53 11.70
N PHE A 614 -11.35 33.02 10.74
CA PHE A 614 -11.49 32.36 9.45
C PHE A 614 -10.96 33.27 8.35
N LEU A 615 -10.50 32.67 7.24
CA LEU A 615 -10.01 33.42 6.09
C LEU A 615 -10.87 33.10 4.87
N ASP A 616 -11.09 34.09 4.00
CA ASP A 616 -11.91 33.93 2.80
C ASP A 616 -11.03 33.57 1.59
N TYR A 617 -11.00 32.28 1.21
CA TYR A 617 -10.19 31.79 0.09
C TYR A 617 -10.91 31.83 -1.25
N MET A 618 -12.23 32.06 -1.24
CA MET A 618 -13.05 32.09 -2.47
C MET A 618 -12.72 33.28 -3.37
#